data_1WXZ
#
_entry.id   1WXZ
#
_cell.length_a   77.800
_cell.length_b   77.800
_cell.length_c   137.400
_cell.angle_alpha   90.00
_cell.angle_beta   90.00
_cell.angle_gamma   90.00
#
_symmetry.space_group_name_H-M   'P 43 21 2'
#
loop_
_entity.id
_entity.type
_entity.pdbx_description
1 polymer 'Adenosine deaminase'
2 non-polymer 'ZINC ION'
3 non-polymer 1-((1R,2S)-1-{2-[2-(4-CHLOROPHENYL)-1,3-BENZOXAZOL-7-YL]ETHYL}-2-HYDROXYPROPYL)-1H-IMIDAZOLE-4-CARBOXAMIDE
4 water water
#
_entity_poly.entity_id   1
_entity_poly.type   'polypeptide(L)'
_entity_poly.pdbx_seq_one_letter_code
;AQTPAFDKPKVELHVHLDGAIKPETILYYGKRRGIALPADTPEELQNIIGMDKPLTLPDFLAKFDYYMPAIAGCRDAIKR
IAYEFVEMKAKDGVVYVEVRYSPHLLANSKVEPIPWNQAEGDLTPDEVVSLVNQGLQEGERDFGVKVRSILCCMRHQPSW
SSEVVELCKKYREQTVVAIDLAGDETIEGSSLFPGHVQAYAEAVKSGVHRTVHAGEVGSANVVKEAVDTLKTERLGHGYH
TLEDTTLYNRLRQENMHFEICPWSSYLTGAWKPDTEHAVIRFKNDQVNYSLNTDDPLIFKSTLDTDYQMTKKDMGFTEEE
FKRLNINAAKSSFLPEDEKKELLDLLYKAYRMPSPA
;
_entity_poly.pdbx_strand_id   A
#
# COMPACT_ATOMS: atom_id res chain seq x y z
N THR A 3 22.48 -13.97 -4.96
CA THR A 3 22.02 -12.82 -5.79
C THR A 3 21.08 -11.88 -5.03
N PRO A 4 19.96 -12.40 -4.49
CA PRO A 4 19.06 -11.50 -3.76
C PRO A 4 19.78 -10.54 -2.78
N ALA A 5 19.31 -9.31 -2.74
CA ALA A 5 19.89 -8.28 -1.87
C ALA A 5 19.82 -8.63 -0.39
N PHE A 6 18.73 -8.28 0.27
CA PHE A 6 18.57 -8.54 1.69
C PHE A 6 17.97 -9.93 1.89
N ASP A 7 18.85 -10.92 1.94
CA ASP A 7 18.47 -12.32 2.12
C ASP A 7 18.08 -12.64 3.57
N LYS A 8 17.32 -11.74 4.20
CA LYS A 8 16.86 -11.91 5.58
C LYS A 8 15.36 -11.61 5.64
N PRO A 9 14.71 -11.94 6.77
CA PRO A 9 13.28 -11.67 6.87
C PRO A 9 13.02 -10.15 6.76
N LYS A 10 11.85 -9.80 6.25
CA LYS A 10 11.48 -8.39 6.04
C LYS A 10 10.12 -8.01 6.56
N VAL A 11 9.87 -6.71 6.56
CA VAL A 11 8.61 -6.13 7.01
C VAL A 11 8.12 -5.14 5.95
N GLU A 12 6.87 -5.26 5.52
CA GLU A 12 6.34 -4.34 4.52
C GLU A 12 5.04 -3.68 5.01
N LEU A 13 5.02 -2.35 4.95
CA LEU A 13 3.87 -1.57 5.42
C LEU A 13 3.16 -0.81 4.31
N HIS A 14 3.65 -0.89 3.09
CA HIS A 14 3.02 -0.18 1.98
C HIS A 14 2.93 -0.96 0.66
N VAL A 15 1.77 -1.54 0.41
CA VAL A 15 1.51 -2.29 -0.81
C VAL A 15 0.00 -2.47 -0.97
N HIS A 16 -0.49 -2.22 -2.18
CA HIS A 16 -1.92 -2.29 -2.50
C HIS A 16 -2.33 -3.67 -3.03
N LEU A 17 -3.32 -4.28 -2.40
CA LEU A 17 -3.81 -5.57 -2.83
C LEU A 17 -4.23 -5.52 -4.30
N ASP A 18 -5.07 -4.55 -4.65
CA ASP A 18 -5.53 -4.40 -6.03
C ASP A 18 -4.41 -4.02 -7.01
N GLY A 19 -3.17 -4.15 -6.56
CA GLY A 19 -2.00 -3.87 -7.36
C GLY A 19 -0.97 -4.97 -7.13
N ALA A 20 -1.47 -6.12 -6.69
CA ALA A 20 -0.63 -7.29 -6.41
C ALA A 20 -1.43 -8.55 -6.69
N ILE A 21 -1.89 -8.67 -7.93
CA ILE A 21 -2.68 -9.80 -8.38
C ILE A 21 -1.86 -10.54 -9.41
N LYS A 22 -1.87 -11.87 -9.37
CA LYS A 22 -1.12 -12.67 -10.35
C LYS A 22 -1.80 -12.57 -11.72
N PRO A 23 -1.00 -12.32 -12.77
CA PRO A 23 -1.54 -12.21 -14.13
C PRO A 23 -2.45 -13.38 -14.48
N GLU A 24 -1.99 -14.60 -14.18
CA GLU A 24 -2.75 -15.82 -14.44
C GLU A 24 -4.13 -15.80 -13.81
N THR A 25 -4.22 -15.30 -12.59
CA THR A 25 -5.51 -15.24 -11.90
C THR A 25 -6.46 -14.26 -12.58
N ILE A 26 -5.91 -13.23 -13.20
CA ILE A 26 -6.74 -12.25 -13.91
C ILE A 26 -7.26 -12.89 -15.20
N LEU A 27 -6.41 -13.68 -15.87
CA LEU A 27 -6.80 -14.37 -17.08
C LEU A 27 -7.96 -15.29 -16.70
N TYR A 28 -7.71 -16.16 -15.75
CA TYR A 28 -8.74 -17.08 -15.28
C TYR A 28 -10.10 -16.39 -15.15
N TYR A 29 -10.17 -15.34 -14.36
CA TYR A 29 -11.43 -14.63 -14.14
C TYR A 29 -11.96 -13.83 -15.32
N GLY A 30 -11.08 -13.13 -16.03
CA GLY A 30 -11.54 -12.35 -17.17
C GLY A 30 -12.19 -13.27 -18.20
N LYS A 31 -11.58 -14.44 -18.36
CA LYS A 31 -12.02 -15.47 -19.27
C LYS A 31 -13.37 -16.05 -18.83
N ARG A 32 -13.42 -16.52 -17.58
CA ARG A 32 -14.62 -17.12 -17.03
C ARG A 32 -15.81 -16.20 -16.80
N ARG A 33 -15.61 -14.89 -16.88
CA ARG A 33 -16.68 -13.93 -16.64
C ARG A 33 -17.29 -13.32 -17.90
N GLY A 34 -16.45 -13.03 -18.88
CA GLY A 34 -16.94 -12.43 -20.12
C GLY A 34 -16.47 -11.01 -20.28
N ILE A 35 -15.15 -10.82 -20.19
CA ILE A 35 -14.56 -9.49 -20.32
C ILE A 35 -13.43 -9.47 -21.34
N ALA A 36 -12.59 -10.50 -21.31
CA ALA A 36 -11.46 -10.58 -22.23
C ALA A 36 -10.53 -9.41 -21.98
N LEU A 37 -9.24 -9.73 -21.91
CA LEU A 37 -8.22 -8.73 -21.66
C LEU A 37 -7.50 -8.40 -22.96
N PRO A 38 -6.56 -7.44 -22.94
CA PRO A 38 -5.81 -7.07 -24.15
C PRO A 38 -4.81 -8.15 -24.59
N ALA A 39 -5.00 -9.36 -24.09
CA ALA A 39 -4.16 -10.52 -24.39
C ALA A 39 -4.78 -11.72 -23.67
N ASP A 40 -4.35 -12.93 -24.03
CA ASP A 40 -4.89 -14.13 -23.39
C ASP A 40 -3.79 -15.02 -22.81
N THR A 41 -2.54 -14.57 -22.93
CA THR A 41 -1.42 -15.33 -22.40
C THR A 41 -0.91 -14.57 -21.18
N PRO A 42 -0.56 -15.30 -20.10
CA PRO A 42 -0.06 -14.74 -18.84
C PRO A 42 0.93 -13.58 -19.02
N GLU A 43 2.13 -13.90 -19.47
CA GLU A 43 3.18 -12.91 -19.68
C GLU A 43 2.76 -11.81 -20.65
N GLU A 44 1.90 -12.13 -21.61
CA GLU A 44 1.42 -11.14 -22.56
C GLU A 44 0.68 -10.08 -21.75
N LEU A 45 -0.22 -10.55 -20.90
CA LEU A 45 -1.03 -9.70 -20.03
C LEU A 45 -0.15 -8.98 -19.00
N GLN A 46 1.01 -9.56 -18.70
CA GLN A 46 1.93 -8.99 -17.73
C GLN A 46 2.82 -7.88 -18.34
N ASN A 47 2.88 -7.84 -19.66
CA ASN A 47 3.68 -6.84 -20.35
C ASN A 47 2.85 -5.60 -20.73
N ILE A 48 1.58 -5.82 -21.05
CA ILE A 48 0.68 -4.74 -21.43
C ILE A 48 0.17 -3.92 -20.25
N ILE A 49 -0.13 -4.56 -19.13
CA ILE A 49 -0.62 -3.85 -17.95
C ILE A 49 0.50 -3.54 -16.97
N GLY A 50 1.72 -3.92 -17.32
CA GLY A 50 2.85 -3.63 -16.45
C GLY A 50 3.62 -2.52 -17.12
N MET A 51 4.85 -2.29 -16.68
CA MET A 51 5.66 -1.24 -17.29
C MET A 51 7.12 -1.37 -16.89
N ASP A 52 8.00 -1.10 -17.84
CA ASP A 52 9.44 -1.18 -17.61
C ASP A 52 10.16 0.18 -17.68
N LYS A 53 9.41 1.25 -17.93
CA LYS A 53 9.98 2.59 -17.97
C LYS A 53 8.95 3.60 -17.48
N PRO A 54 9.39 4.70 -16.84
CA PRO A 54 8.47 5.71 -16.33
C PRO A 54 7.46 6.24 -17.34
N LEU A 55 6.24 6.47 -16.86
CA LEU A 55 5.15 6.98 -17.67
C LEU A 55 4.40 8.07 -16.90
N THR A 56 3.44 8.71 -17.55
CA THR A 56 2.66 9.77 -16.91
C THR A 56 1.53 9.19 -16.08
N LEU A 57 0.90 10.05 -15.27
CA LEU A 57 -0.19 9.62 -14.41
C LEU A 57 -1.30 8.86 -15.16
N PRO A 58 -1.95 9.48 -16.16
CA PRO A 58 -3.01 8.76 -16.89
C PRO A 58 -2.58 7.42 -17.49
N ASP A 59 -1.31 7.34 -17.90
CA ASP A 59 -0.78 6.11 -18.48
C ASP A 59 -0.84 5.05 -17.39
N PHE A 60 -0.37 5.42 -16.20
CA PHE A 60 -0.37 4.57 -15.02
C PHE A 60 -1.80 4.13 -14.67
N LEU A 61 -2.68 5.12 -14.49
CA LEU A 61 -4.07 4.87 -14.14
C LEU A 61 -4.82 3.93 -15.09
N ALA A 62 -4.46 3.96 -16.37
CA ALA A 62 -5.11 3.11 -17.37
C ALA A 62 -4.88 1.63 -17.07
N LYS A 63 -3.75 1.34 -16.45
CA LYS A 63 -3.44 -0.04 -16.12
C LYS A 63 -4.62 -0.67 -15.38
N PHE A 64 -5.10 0.01 -14.35
CA PHE A 64 -6.22 -0.53 -13.60
C PHE A 64 -7.44 -0.76 -14.50
N ASP A 65 -7.67 0.16 -15.43
CA ASP A 65 -8.82 0.05 -16.33
C ASP A 65 -8.84 -1.28 -17.05
N TYR A 66 -7.68 -1.85 -17.34
CA TYR A 66 -7.64 -3.16 -18.02
C TYR A 66 -8.21 -4.31 -17.18
N TYR A 67 -7.46 -4.72 -16.16
CA TYR A 67 -7.85 -5.86 -15.33
C TYR A 67 -8.91 -5.73 -14.24
N MET A 68 -8.94 -4.61 -13.52
CA MET A 68 -9.91 -4.44 -12.43
C MET A 68 -11.35 -4.84 -12.74
N PRO A 69 -11.84 -4.58 -13.96
CA PRO A 69 -13.22 -5.00 -14.18
C PRO A 69 -13.39 -6.53 -14.18
N ALA A 70 -12.27 -7.24 -14.32
CA ALA A 70 -12.27 -8.71 -14.32
C ALA A 70 -12.24 -9.30 -12.91
N ILE A 71 -11.61 -8.60 -11.98
CA ILE A 71 -11.50 -9.05 -10.60
C ILE A 71 -12.62 -8.51 -9.73
N ALA A 72 -12.88 -7.21 -9.83
CA ALA A 72 -13.92 -6.58 -9.02
C ALA A 72 -15.31 -7.11 -9.34
N GLY A 73 -16.10 -7.35 -8.30
CA GLY A 73 -17.45 -7.85 -8.51
C GLY A 73 -17.62 -9.30 -8.13
N CYS A 74 -16.68 -10.14 -8.52
CA CYS A 74 -16.77 -11.57 -8.20
C CYS A 74 -16.41 -11.86 -6.73
N ARG A 75 -17.31 -12.56 -6.04
CA ARG A 75 -17.14 -12.90 -4.64
C ARG A 75 -15.90 -13.73 -4.31
N ASP A 76 -15.58 -14.73 -5.14
CA ASP A 76 -14.41 -15.55 -4.83
C ASP A 76 -13.13 -15.06 -5.47
N ALA A 77 -13.25 -14.06 -6.34
CA ALA A 77 -12.07 -13.50 -6.99
C ALA A 77 -11.32 -12.70 -5.94
N ILE A 78 -12.08 -12.01 -5.09
CA ILE A 78 -11.52 -11.21 -4.03
C ILE A 78 -10.85 -12.08 -2.96
N LYS A 79 -11.48 -13.19 -2.60
CA LYS A 79 -10.86 -14.03 -1.59
C LYS A 79 -9.57 -14.66 -2.14
N ARG A 80 -9.61 -15.11 -3.39
CA ARG A 80 -8.43 -15.72 -3.99
C ARG A 80 -7.27 -14.72 -4.11
N ILE A 81 -7.54 -13.50 -4.52
CA ILE A 81 -6.44 -12.54 -4.66
C ILE A 81 -5.76 -12.26 -3.32
N ALA A 82 -6.54 -12.17 -2.25
CA ALA A 82 -5.99 -11.94 -0.93
C ALA A 82 -5.12 -13.14 -0.55
N TYR A 83 -5.69 -14.33 -0.68
CA TYR A 83 -5.00 -15.58 -0.37
C TYR A 83 -3.66 -15.67 -1.12
N GLU A 84 -3.71 -15.44 -2.43
CA GLU A 84 -2.52 -15.50 -3.26
C GLU A 84 -1.52 -14.42 -2.90
N PHE A 85 -2.02 -13.33 -2.31
CA PHE A 85 -1.15 -12.25 -1.90
C PHE A 85 -0.20 -12.69 -0.80
N VAL A 86 -0.76 -13.27 0.26
CA VAL A 86 0.07 -13.74 1.38
C VAL A 86 1.15 -14.67 0.85
N GLU A 87 0.76 -15.56 -0.05
CA GLU A 87 1.70 -16.49 -0.64
C GLU A 87 2.88 -15.73 -1.28
N MET A 88 2.56 -14.66 -2.00
CA MET A 88 3.57 -13.84 -2.68
C MET A 88 4.60 -13.27 -1.70
N LYS A 89 4.13 -12.73 -0.58
CA LYS A 89 5.02 -12.16 0.43
C LYS A 89 5.94 -13.22 1.00
N ALA A 90 5.41 -14.44 1.16
CA ALA A 90 6.18 -15.56 1.68
C ALA A 90 7.45 -15.72 0.86
N LYS A 91 7.30 -15.75 -0.47
CA LYS A 91 8.44 -15.88 -1.36
C LYS A 91 9.40 -14.72 -1.26
N ASP A 92 8.87 -13.53 -0.98
CA ASP A 92 9.71 -12.35 -0.82
C ASP A 92 10.48 -12.36 0.50
N GLY A 93 10.11 -13.29 1.38
CA GLY A 93 10.78 -13.38 2.67
C GLY A 93 10.28 -12.37 3.67
N VAL A 94 9.00 -12.06 3.62
CA VAL A 94 8.42 -11.08 4.54
C VAL A 94 7.76 -11.84 5.69
N VAL A 95 8.04 -11.42 6.92
CA VAL A 95 7.44 -12.09 8.08
C VAL A 95 6.23 -11.34 8.59
N TYR A 96 6.16 -10.05 8.26
CA TYR A 96 5.02 -9.22 8.64
C TYR A 96 4.70 -8.25 7.51
N VAL A 97 3.44 -8.20 7.12
CA VAL A 97 3.05 -7.32 6.04
C VAL A 97 1.68 -6.70 6.23
N GLU A 98 1.59 -5.40 5.99
CA GLU A 98 0.33 -4.71 6.08
C GLU A 98 -0.07 -4.39 4.65
N VAL A 99 -1.20 -4.93 4.22
CA VAL A 99 -1.67 -4.68 2.86
C VAL A 99 -2.94 -3.83 2.90
N ARG A 100 -3.00 -2.83 2.02
CA ARG A 100 -4.14 -1.91 1.95
C ARG A 100 -4.98 -2.09 0.68
N TYR A 101 -6.13 -1.43 0.67
CA TYR A 101 -7.05 -1.49 -0.48
C TYR A 101 -8.33 -0.72 -0.22
N SER A 102 -9.02 -0.36 -1.29
CA SER A 102 -10.28 0.34 -1.16
C SER A 102 -11.39 -0.66 -1.38
N PRO A 103 -12.12 -1.03 -0.32
CA PRO A 103 -13.20 -2.00 -0.48
C PRO A 103 -14.20 -1.58 -1.57
N HIS A 104 -14.47 -0.27 -1.65
CA HIS A 104 -15.40 0.26 -2.62
C HIS A 104 -15.02 -0.05 -4.07
N LEU A 105 -13.74 0.07 -4.41
CA LEU A 105 -13.27 -0.20 -5.77
C LEU A 105 -13.34 -1.66 -6.22
N LEU A 106 -13.79 -2.53 -5.33
CA LEU A 106 -13.95 -3.94 -5.63
C LEU A 106 -15.45 -4.25 -5.52
N ALA A 107 -16.22 -3.28 -5.05
CA ALA A 107 -17.64 -3.44 -4.88
C ALA A 107 -18.41 -3.26 -6.17
N ASN A 108 -19.65 -3.75 -6.18
CA ASN A 108 -20.51 -3.65 -7.36
C ASN A 108 -21.95 -3.47 -6.91
N SER A 109 -22.13 -3.25 -5.62
CA SER A 109 -23.44 -3.03 -5.04
C SER A 109 -23.31 -2.03 -3.90
N LYS A 110 -24.30 -1.15 -3.76
CA LYS A 110 -24.27 -0.14 -2.70
C LYS A 110 -22.94 0.59 -2.71
N VAL A 111 -22.68 1.26 -3.82
CA VAL A 111 -21.46 2.00 -4.03
C VAL A 111 -21.70 2.91 -5.23
N GLU A 112 -21.85 4.20 -4.96
CA GLU A 112 -22.08 5.19 -6.01
C GLU A 112 -21.00 6.26 -6.05
N PRO A 113 -20.35 6.43 -7.22
CA PRO A 113 -20.66 5.65 -8.41
C PRO A 113 -20.17 4.21 -8.28
N ILE A 114 -20.55 3.36 -9.23
CA ILE A 114 -20.09 1.98 -9.21
C ILE A 114 -18.83 1.92 -10.03
N PRO A 115 -17.70 1.60 -9.39
CA PRO A 115 -16.35 1.49 -9.98
C PRO A 115 -16.18 0.72 -11.29
N TRP A 116 -15.30 1.25 -12.13
CA TRP A 116 -14.96 0.65 -13.43
C TRP A 116 -16.15 0.22 -14.27
N ASN A 117 -17.03 1.16 -14.62
CA ASN A 117 -18.22 0.81 -15.41
C ASN A 117 -18.94 -0.26 -14.59
N GLN A 118 -18.87 -1.52 -15.02
CA GLN A 118 -19.47 -2.60 -14.25
C GLN A 118 -20.96 -2.42 -13.95
N ALA A 119 -21.75 -3.47 -14.19
CA ALA A 119 -23.18 -3.43 -13.92
C ALA A 119 -23.43 -3.72 -12.44
N GLU A 120 -24.58 -3.30 -11.94
CA GLU A 120 -24.91 -3.52 -10.54
C GLU A 120 -24.79 -4.98 -10.10
N GLY A 121 -25.12 -5.26 -8.85
CA GLY A 121 -25.03 -6.62 -8.35
C GLY A 121 -25.39 -6.76 -6.88
N ASP A 122 -24.66 -7.61 -6.16
CA ASP A 122 -24.95 -7.81 -4.74
C ASP A 122 -23.71 -7.82 -3.84
N LEU A 123 -22.54 -7.55 -4.40
CA LEU A 123 -21.30 -7.51 -3.62
C LEU A 123 -21.15 -6.13 -2.97
N THR A 124 -21.55 -6.03 -1.70
CA THR A 124 -21.46 -4.78 -0.96
C THR A 124 -20.07 -4.64 -0.38
N PRO A 125 -19.57 -3.39 -0.30
CA PRO A 125 -18.24 -3.07 0.24
C PRO A 125 -17.95 -3.82 1.53
N ASP A 126 -18.96 -3.89 2.39
CA ASP A 126 -18.86 -4.55 3.69
C ASP A 126 -18.40 -6.01 3.65
N GLU A 127 -18.91 -6.79 2.70
CA GLU A 127 -18.49 -8.18 2.63
C GLU A 127 -17.26 -8.35 1.74
N VAL A 128 -16.92 -7.30 1.01
CA VAL A 128 -15.73 -7.34 0.15
C VAL A 128 -14.53 -7.41 1.07
N VAL A 129 -14.54 -6.59 2.12
CA VAL A 129 -13.46 -6.58 3.09
C VAL A 129 -13.50 -7.85 3.94
N SER A 130 -14.70 -8.32 4.29
CA SER A 130 -14.81 -9.54 5.08
C SER A 130 -14.22 -10.72 4.33
N LEU A 131 -14.39 -10.74 3.00
CA LEU A 131 -13.85 -11.81 2.18
C LEU A 131 -12.33 -11.70 2.10
N VAL A 132 -11.82 -10.47 2.03
CA VAL A 132 -10.38 -10.25 2.00
C VAL A 132 -9.79 -10.73 3.32
N ASN A 133 -10.50 -10.44 4.42
CA ASN A 133 -10.07 -10.86 5.75
C ASN A 133 -9.84 -12.37 5.68
N GLN A 134 -10.88 -13.07 5.26
CA GLN A 134 -10.85 -14.52 5.13
C GLN A 134 -9.65 -15.03 4.33
N GLY A 135 -9.55 -14.61 3.07
CA GLY A 135 -8.43 -15.05 2.25
C GLY A 135 -7.08 -14.70 2.87
N LEU A 136 -7.02 -13.57 3.56
CA LEU A 136 -5.80 -13.12 4.20
C LEU A 136 -5.43 -14.02 5.37
N GLN A 137 -6.43 -14.38 6.18
CA GLN A 137 -6.18 -15.23 7.34
C GLN A 137 -5.75 -16.64 6.94
N GLU A 138 -6.40 -17.21 5.93
CA GLU A 138 -6.02 -18.53 5.45
C GLU A 138 -4.59 -18.45 4.95
N GLY A 139 -4.30 -17.38 4.21
CA GLY A 139 -2.95 -17.19 3.70
C GLY A 139 -1.94 -17.21 4.82
N GLU A 140 -2.27 -16.54 5.92
CA GLU A 140 -1.39 -16.46 7.08
C GLU A 140 -1.08 -17.85 7.64
N ARG A 141 -2.10 -18.67 7.80
CA ARG A 141 -1.92 -20.00 8.33
C ARG A 141 -1.25 -20.99 7.38
N ASP A 142 -1.48 -20.81 6.08
CA ASP A 142 -0.90 -21.71 5.10
C ASP A 142 0.54 -21.44 4.67
N PHE A 143 0.92 -20.18 4.57
CA PHE A 143 2.27 -19.86 4.12
C PHE A 143 3.20 -19.32 5.19
N GLY A 144 2.67 -19.06 6.39
CA GLY A 144 3.49 -18.58 7.49
C GLY A 144 3.95 -17.13 7.51
N VAL A 145 3.05 -16.19 7.20
CA VAL A 145 3.41 -14.78 7.23
C VAL A 145 2.35 -14.07 8.07
N LYS A 146 2.75 -13.12 8.91
CA LYS A 146 1.75 -12.41 9.70
C LYS A 146 1.19 -11.26 8.86
N VAL A 147 -0.13 -11.23 8.71
CA VAL A 147 -0.76 -10.22 7.88
C VAL A 147 -1.88 -9.38 8.51
N ARG A 148 -1.89 -8.09 8.19
CA ARG A 148 -2.93 -7.16 8.66
C ARG A 148 -3.31 -6.33 7.44
N SER A 149 -4.53 -5.80 7.44
CA SER A 149 -5.00 -5.01 6.32
C SER A 149 -5.38 -3.59 6.68
N ILE A 150 -5.09 -2.68 5.76
CA ILE A 150 -5.41 -1.27 5.93
C ILE A 150 -6.47 -0.98 4.86
N LEU A 151 -7.47 -0.17 5.21
CA LEU A 151 -8.53 0.18 4.27
C LEU A 151 -8.27 1.59 3.76
N CYS A 152 -8.53 1.82 2.46
CA CYS A 152 -8.26 3.11 1.85
C CYS A 152 -9.45 4.01 1.51
N CYS A 153 -9.29 5.29 1.80
CA CYS A 153 -10.26 6.32 1.45
C CYS A 153 -9.72 6.84 0.11
N MET A 154 -10.57 7.48 -0.70
CA MET A 154 -10.13 8.02 -1.99
C MET A 154 -10.32 9.54 -2.00
N ARG A 155 -9.24 10.24 -2.28
CA ARG A 155 -9.24 11.70 -2.33
C ARG A 155 -10.48 12.28 -3.00
N HIS A 156 -10.79 11.80 -4.18
CA HIS A 156 -11.93 12.31 -4.93
C HIS A 156 -13.32 11.95 -4.42
N GLN A 157 -13.46 10.82 -3.74
CA GLN A 157 -14.77 10.42 -3.25
C GLN A 157 -14.92 10.41 -1.73
N PRO A 158 -14.83 11.59 -1.11
CA PRO A 158 -14.95 11.69 0.35
C PRO A 158 -16.25 11.13 0.96
N SER A 159 -17.25 10.85 0.13
CA SER A 159 -18.49 10.32 0.67
C SER A 159 -18.33 8.88 1.16
N TRP A 160 -17.29 8.20 0.70
CA TRP A 160 -17.07 6.82 1.11
C TRP A 160 -16.27 6.71 2.39
N SER A 161 -15.66 7.81 2.82
CA SER A 161 -14.82 7.84 4.01
C SER A 161 -15.42 7.38 5.32
N SER A 162 -16.65 7.77 5.60
CA SER A 162 -17.28 7.37 6.85
C SER A 162 -17.41 5.85 6.90
N GLU A 163 -17.84 5.25 5.79
CA GLU A 163 -17.97 3.80 5.73
C GLU A 163 -16.63 3.15 6.00
N VAL A 164 -15.56 3.77 5.51
CA VAL A 164 -14.21 3.23 5.72
C VAL A 164 -13.88 3.11 7.20
N VAL A 165 -13.95 4.20 7.96
CA VAL A 165 -13.67 4.10 9.39
C VAL A 165 -14.60 3.07 10.02
N GLU A 166 -15.89 3.15 9.72
CA GLU A 166 -16.81 2.18 10.28
C GLU A 166 -16.34 0.75 9.96
N LEU A 167 -15.94 0.53 8.72
CA LEU A 167 -15.45 -0.77 8.30
C LEU A 167 -14.22 -1.15 9.13
N CYS A 168 -13.37 -0.16 9.43
CA CYS A 168 -12.16 -0.41 10.23
C CYS A 168 -12.51 -0.81 11.66
N LYS A 169 -13.48 -0.11 12.24
CA LYS A 169 -13.94 -0.37 13.61
C LYS A 169 -14.70 -1.68 13.70
N LYS A 170 -15.50 -1.97 12.67
CA LYS A 170 -16.28 -3.20 12.65
C LYS A 170 -15.39 -4.41 12.57
N TYR A 171 -14.40 -4.37 11.69
CA TYR A 171 -13.49 -5.50 11.54
C TYR A 171 -12.21 -5.39 12.33
N ARG A 172 -12.22 -4.54 13.36
CA ARG A 172 -11.06 -4.37 14.24
C ARG A 172 -10.53 -5.76 14.59
N GLU A 173 -9.21 -5.88 14.67
CA GLU A 173 -8.56 -7.14 14.99
C GLU A 173 -8.47 -8.06 13.77
N GLN A 174 -9.62 -8.42 13.21
CA GLN A 174 -9.73 -9.29 12.02
C GLN A 174 -9.03 -8.74 10.80
N THR A 175 -7.71 -8.60 10.91
CA THR A 175 -6.83 -8.08 9.88
C THR A 175 -6.78 -6.55 9.81
N VAL A 176 -7.91 -5.87 9.68
CA VAL A 176 -7.89 -4.41 9.56
C VAL A 176 -7.55 -3.62 10.83
N VAL A 177 -6.34 -3.04 10.81
CA VAL A 177 -5.78 -2.27 11.91
C VAL A 177 -5.53 -0.79 11.64
N ALA A 178 -5.96 -0.27 10.47
CA ALA A 178 -5.73 1.14 10.17
C ALA A 178 -6.49 1.64 8.96
N ILE A 179 -6.50 2.96 8.81
CA ILE A 179 -7.19 3.62 7.72
C ILE A 179 -6.14 4.35 6.87
N ASP A 180 -6.44 4.57 5.60
CA ASP A 180 -5.51 5.24 4.70
C ASP A 180 -6.25 6.21 3.79
N LEU A 181 -5.53 7.17 3.23
CA LEU A 181 -6.11 8.13 2.30
C LEU A 181 -5.29 7.95 1.01
N ALA A 182 -5.96 7.67 -0.10
CA ALA A 182 -5.25 7.46 -1.36
C ALA A 182 -5.99 7.99 -2.57
N GLY A 183 -5.33 7.92 -3.71
CA GLY A 183 -5.95 8.37 -4.95
C GLY A 183 -5.84 9.82 -5.38
N ASP A 184 -4.61 10.28 -5.60
CA ASP A 184 -4.39 11.65 -6.09
C ASP A 184 -4.42 12.78 -5.06
N GLU A 185 -3.29 12.95 -4.40
CA GLU A 185 -3.14 13.99 -3.40
C GLU A 185 -3.06 15.35 -4.10
N THR A 186 -3.02 15.30 -5.43
CA THR A 186 -2.91 16.48 -6.28
C THR A 186 -4.16 17.37 -6.37
N ILE A 187 -5.33 16.83 -6.07
CA ILE A 187 -6.53 17.65 -6.14
C ILE A 187 -6.57 18.65 -4.97
N GLU A 188 -6.77 19.92 -5.32
CA GLU A 188 -6.78 21.02 -4.37
C GLU A 188 -7.64 20.85 -3.12
N GLY A 189 -7.02 21.10 -1.97
CA GLY A 189 -7.71 21.01 -0.69
C GLY A 189 -8.31 19.67 -0.35
N SER A 190 -7.92 18.60 -1.05
CA SER A 190 -8.48 17.27 -0.81
C SER A 190 -8.22 16.74 0.61
N SER A 191 -7.06 17.07 1.16
CA SER A 191 -6.73 16.65 2.51
C SER A 191 -7.80 17.16 3.49
N LEU A 192 -8.24 18.39 3.25
CA LEU A 192 -9.22 19.06 4.08
C LEU A 192 -10.70 18.85 3.74
N PHE A 193 -11.04 17.93 2.84
CA PHE A 193 -12.44 17.69 2.56
C PHE A 193 -13.06 17.19 3.85
N PRO A 194 -14.17 17.81 4.29
CA PRO A 194 -14.92 17.48 5.51
C PRO A 194 -15.12 15.99 5.75
N GLY A 195 -15.52 15.26 4.71
CA GLY A 195 -15.74 13.83 4.85
C GLY A 195 -14.47 13.07 5.21
N HIS A 196 -13.34 13.55 4.71
CA HIS A 196 -12.05 12.93 4.98
C HIS A 196 -11.58 13.26 6.40
N VAL A 197 -11.61 14.54 6.75
CA VAL A 197 -11.19 14.96 8.08
C VAL A 197 -12.11 14.39 9.16
N GLN A 198 -13.41 14.31 8.88
CA GLN A 198 -14.32 13.73 9.87
C GLN A 198 -14.02 12.25 10.06
N ALA A 199 -13.65 11.57 8.98
CA ALA A 199 -13.35 10.15 9.07
C ALA A 199 -12.12 9.95 9.94
N TYR A 200 -11.06 10.72 9.68
CA TYR A 200 -9.86 10.60 10.48
C TYR A 200 -10.10 11.04 11.93
N ALA A 201 -11.00 12.00 12.12
CA ALA A 201 -11.33 12.45 13.46
C ALA A 201 -11.96 11.27 14.19
N GLU A 202 -12.81 10.53 13.47
CA GLU A 202 -13.48 9.36 14.01
C GLU A 202 -12.43 8.28 14.31
N ALA A 203 -11.41 8.20 13.46
CA ALA A 203 -10.35 7.22 13.64
C ALA A 203 -9.66 7.40 15.00
N VAL A 204 -9.39 8.64 15.39
CA VAL A 204 -8.75 8.91 16.67
C VAL A 204 -9.69 8.55 17.83
N LYS A 205 -10.95 8.92 17.68
CA LYS A 205 -11.98 8.67 18.67
C LYS A 205 -12.29 7.21 18.92
N SER A 206 -11.90 6.32 18.01
CA SER A 206 -12.18 4.90 18.19
C SER A 206 -10.94 4.02 18.15
N GLY A 207 -9.78 4.67 18.22
CA GLY A 207 -8.52 3.94 18.21
C GLY A 207 -8.17 3.09 17.01
N VAL A 208 -8.30 3.62 15.79
CA VAL A 208 -7.88 2.87 14.61
C VAL A 208 -6.70 3.67 14.11
N HIS A 209 -5.62 2.99 13.79
CA HIS A 209 -4.42 3.68 13.34
C HIS A 209 -4.57 4.47 12.03
N ARG A 210 -3.62 5.35 11.76
CA ARG A 210 -3.70 6.19 10.58
C ARG A 210 -2.42 6.38 9.74
N THR A 211 -2.60 6.37 8.42
CA THR A 211 -1.52 6.59 7.48
C THR A 211 -2.12 7.36 6.30
N VAL A 212 -1.34 8.21 5.65
CA VAL A 212 -1.86 8.98 4.53
C VAL A 212 -0.89 9.06 3.39
N HIS A 213 -1.35 8.87 2.15
CA HIS A 213 -0.45 9.00 1.01
C HIS A 213 -0.23 10.50 0.91
N ALA A 214 1.00 10.96 0.92
CA ALA A 214 1.25 12.40 0.86
C ALA A 214 2.71 12.70 0.60
N GLY A 215 2.98 13.56 -0.38
CA GLY A 215 4.36 13.89 -0.68
C GLY A 215 4.95 13.08 -1.81
N GLU A 216 4.26 12.05 -2.26
CA GLU A 216 4.75 11.25 -3.36
C GLU A 216 4.88 12.18 -4.55
N VAL A 217 3.80 12.89 -4.84
CA VAL A 217 3.78 13.83 -5.96
C VAL A 217 3.02 15.09 -5.56
N GLY A 218 2.88 15.32 -4.26
CA GLY A 218 2.20 16.50 -3.77
C GLY A 218 3.16 17.37 -3.00
N SER A 219 2.87 18.66 -2.89
CA SER A 219 3.78 19.58 -2.19
C SER A 219 3.83 19.34 -0.68
N ALA A 220 4.89 19.83 -0.06
CA ALA A 220 5.06 19.67 1.38
C ALA A 220 3.81 20.02 2.17
N ASN A 221 3.05 21.01 1.69
CA ASN A 221 1.84 21.43 2.39
C ASN A 221 0.84 20.31 2.56
N VAL A 222 0.65 19.47 1.53
CA VAL A 222 -0.27 18.36 1.67
C VAL A 222 0.30 17.40 2.71
N VAL A 223 1.62 17.28 2.78
CA VAL A 223 2.22 16.42 3.79
C VAL A 223 1.88 16.99 5.16
N LYS A 224 1.92 18.31 5.28
CA LYS A 224 1.62 18.97 6.56
C LYS A 224 0.15 18.80 6.97
N GLU A 225 -0.76 18.91 6.01
CA GLU A 225 -2.18 18.77 6.30
C GLU A 225 -2.45 17.37 6.85
N ALA A 226 -1.81 16.37 6.23
CA ALA A 226 -1.99 14.98 6.65
C ALA A 226 -1.60 14.80 8.12
N VAL A 227 -0.52 15.45 8.52
CA VAL A 227 -0.03 15.34 9.89
C VAL A 227 -0.84 16.18 10.89
N ASP A 228 -0.96 17.48 10.63
CA ASP A 228 -1.67 18.40 11.51
C ASP A 228 -3.19 18.27 11.55
N THR A 229 -3.80 18.02 10.41
CA THR A 229 -5.26 17.92 10.36
C THR A 229 -5.81 16.51 10.50
N LEU A 230 -5.33 15.58 9.67
CA LEU A 230 -5.82 14.21 9.70
C LEU A 230 -5.18 13.34 10.81
N LYS A 231 -4.14 13.87 11.45
CA LYS A 231 -3.45 13.20 12.55
C LYS A 231 -2.74 11.88 12.22
N THR A 232 -2.12 11.80 11.05
CA THR A 232 -1.43 10.57 10.68
C THR A 232 -0.31 10.18 11.62
N GLU A 233 0.03 8.90 11.56
CA GLU A 233 1.13 8.35 12.36
C GLU A 233 2.25 7.94 11.40
N ARG A 234 1.89 7.77 10.13
CA ARG A 234 2.82 7.42 9.08
C ARG A 234 2.44 8.15 7.80
N LEU A 235 3.41 8.30 6.91
CA LEU A 235 3.21 8.98 5.64
C LEU A 235 3.59 8.05 4.51
N GLY A 236 2.70 7.91 3.53
CA GLY A 236 3.01 7.07 2.38
C GLY A 236 3.90 7.92 1.50
N HIS A 237 5.09 7.42 1.17
CA HIS A 237 6.05 8.15 0.36
C HIS A 237 6.54 9.40 1.14
N GLY A 238 5.87 10.52 0.92
CA GLY A 238 6.24 11.75 1.62
C GLY A 238 7.63 12.24 1.25
N TYR A 239 7.98 12.14 -0.02
CA TYR A 239 9.30 12.58 -0.43
C TYR A 239 9.35 14.10 -0.43
N HIS A 240 8.27 14.74 -0.83
CA HIS A 240 8.25 16.18 -0.87
C HIS A 240 8.38 16.90 0.47
N THR A 241 8.35 16.19 1.59
CA THR A 241 8.48 16.89 2.87
C THR A 241 9.87 17.51 3.01
N LEU A 242 10.72 17.28 2.01
CA LEU A 242 12.07 17.83 2.00
C LEU A 242 12.08 19.30 1.58
N GLU A 243 11.08 19.71 0.81
CA GLU A 243 10.99 21.09 0.36
C GLU A 243 10.56 22.05 1.47
N ASP A 244 10.45 21.54 2.70
CA ASP A 244 10.06 22.34 3.85
C ASP A 244 10.88 21.80 5.03
N THR A 245 11.90 22.56 5.43
CA THR A 245 12.81 22.16 6.50
C THR A 245 12.29 22.15 7.93
N THR A 246 11.46 23.12 8.32
CA THR A 246 10.95 23.09 9.67
C THR A 246 9.99 21.91 9.78
N LEU A 247 9.34 21.58 8.67
CA LEU A 247 8.44 20.45 8.64
C LEU A 247 9.28 19.17 8.81
N TYR A 248 10.30 19.03 7.98
CA TYR A 248 11.20 17.88 8.02
C TYR A 248 11.86 17.78 9.39
N ASN A 249 12.49 18.86 9.83
CA ASN A 249 13.16 18.93 11.12
C ASN A 249 12.21 18.52 12.25
N ARG A 250 10.95 18.93 12.14
CA ARG A 250 9.93 18.60 13.13
C ARG A 250 9.54 17.12 13.08
N LEU A 251 9.34 16.61 11.87
CA LEU A 251 8.97 15.21 11.72
C LEU A 251 10.11 14.32 12.21
N ARG A 252 11.35 14.78 11.98
CA ARG A 252 12.51 14.03 12.43
C ARG A 252 12.43 13.83 13.93
N GLN A 253 12.41 14.91 14.71
CA GLN A 253 12.33 14.76 16.15
C GLN A 253 11.03 14.12 16.68
N GLU A 254 9.99 14.10 15.87
CA GLU A 254 8.73 13.48 16.31
C GLU A 254 8.67 12.02 15.88
N ASN A 255 9.73 11.56 15.21
CA ASN A 255 9.84 10.19 14.77
C ASN A 255 8.72 9.76 13.83
N MET A 256 8.48 10.56 12.79
CA MET A 256 7.45 10.23 11.82
C MET A 256 8.01 9.10 10.97
N HIS A 257 7.15 8.17 10.58
CA HIS A 257 7.61 7.07 9.73
C HIS A 257 7.25 7.35 8.26
N PHE A 258 8.21 7.12 7.37
CA PHE A 258 7.99 7.31 5.95
C PHE A 258 7.91 5.95 5.25
N GLU A 259 6.86 5.71 4.48
CA GLU A 259 6.70 4.45 3.75
C GLU A 259 7.24 4.65 2.34
N ILE A 260 8.51 4.31 2.13
CA ILE A 260 9.16 4.50 0.83
C ILE A 260 9.01 3.34 -0.15
N CYS A 261 8.85 3.67 -1.43
CA CYS A 261 8.69 2.71 -2.53
C CYS A 261 9.51 3.26 -3.69
N PRO A 262 10.84 3.12 -3.62
CA PRO A 262 11.81 3.59 -4.61
C PRO A 262 11.60 3.17 -6.06
N TRP A 263 11.23 1.91 -6.29
CA TRP A 263 11.02 1.47 -7.65
C TRP A 263 9.78 2.16 -8.20
N SER A 264 8.72 2.17 -7.40
CA SER A 264 7.46 2.79 -7.77
C SER A 264 7.63 4.27 -8.08
N SER A 265 8.37 4.97 -7.22
CA SER A 265 8.61 6.40 -7.43
C SER A 265 9.25 6.67 -8.77
N TYR A 266 9.91 5.65 -9.33
CA TYR A 266 10.55 5.78 -10.63
C TYR A 266 9.52 5.59 -11.75
N LEU A 267 8.90 4.43 -11.79
CA LEU A 267 7.90 4.10 -12.82
C LEU A 267 6.68 5.02 -12.91
N THR A 268 6.50 5.89 -11.92
CA THR A 268 5.37 6.82 -11.92
C THR A 268 5.80 8.27 -12.16
N GLY A 269 7.11 8.50 -12.18
CA GLY A 269 7.61 9.84 -12.40
C GLY A 269 7.82 10.61 -11.12
N ALA A 270 7.38 10.06 -10.00
CA ALA A 270 7.54 10.72 -8.71
C ALA A 270 8.96 11.23 -8.56
N TRP A 271 9.92 10.40 -8.97
CA TRP A 271 11.34 10.75 -8.85
C TRP A 271 12.06 10.76 -10.19
N LYS A 272 12.78 11.85 -10.45
CA LYS A 272 13.54 12.00 -11.68
C LYS A 272 14.93 11.41 -11.46
N PRO A 273 15.41 10.58 -12.39
CA PRO A 273 16.72 9.96 -12.28
C PRO A 273 17.85 11.00 -12.25
N ASP A 274 17.53 12.22 -12.66
CA ASP A 274 18.47 13.34 -12.69
C ASP A 274 19.03 13.63 -11.29
N THR A 275 18.12 13.77 -10.33
CA THR A 275 18.52 14.07 -8.96
C THR A 275 18.68 12.80 -8.13
N GLU A 276 19.17 12.99 -6.91
CA GLU A 276 19.39 11.88 -5.97
C GLU A 276 18.12 11.53 -5.21
N HIS A 277 17.74 10.25 -5.24
CA HIS A 277 16.53 9.81 -4.57
C HIS A 277 16.35 10.40 -3.17
N ALA A 278 15.10 10.68 -2.83
CA ALA A 278 14.79 11.23 -1.53
C ALA A 278 15.18 10.29 -0.37
N VAL A 279 15.44 9.02 -0.70
CA VAL A 279 15.78 8.07 0.35
C VAL A 279 17.22 8.15 0.84
N ILE A 280 18.17 8.53 -0.01
CA ILE A 280 19.55 8.63 0.47
C ILE A 280 19.61 9.74 1.51
N ARG A 281 18.90 10.83 1.26
CA ARG A 281 18.85 11.93 2.21
C ARG A 281 18.35 11.37 3.55
N PHE A 282 17.25 10.61 3.50
CA PHE A 282 16.68 10.00 4.72
C PHE A 282 17.71 9.08 5.36
N LYS A 283 18.39 8.29 4.53
CA LYS A 283 19.40 7.35 5.00
C LYS A 283 20.46 8.09 5.80
N ASN A 284 21.03 9.13 5.19
CA ASN A 284 22.06 9.94 5.83
C ASN A 284 21.56 10.68 7.08
N ASP A 285 20.25 10.83 7.21
CA ASP A 285 19.67 11.52 8.36
C ASP A 285 19.06 10.58 9.40
N GLN A 286 19.34 9.30 9.24
CA GLN A 286 18.83 8.29 10.16
C GLN A 286 17.31 8.40 10.41
N VAL A 287 16.59 8.64 9.33
CA VAL A 287 15.14 8.78 9.35
C VAL A 287 14.42 7.44 9.46
N ASN A 288 13.33 7.42 10.21
CA ASN A 288 12.55 6.21 10.39
C ASN A 288 11.67 6.03 9.15
N TYR A 289 12.11 5.13 8.27
CA TYR A 289 11.41 4.85 7.01
C TYR A 289 11.51 3.36 6.65
N SER A 290 10.74 2.93 5.66
CA SER A 290 10.76 1.53 5.26
C SER A 290 10.83 1.38 3.75
N LEU A 291 11.21 0.20 3.28
CA LEU A 291 11.32 -0.07 1.86
C LEU A 291 10.07 -0.85 1.46
N ASN A 292 9.40 -0.39 0.41
CA ASN A 292 8.15 -0.99 0.00
C ASN A 292 7.98 -1.14 -1.51
N THR A 293 7.20 -2.16 -1.88
CA THR A 293 6.93 -2.51 -3.26
C THR A 293 5.81 -1.72 -3.93
N ASP A 294 4.78 -1.38 -3.17
CA ASP A 294 3.62 -0.63 -3.65
C ASP A 294 2.66 -1.40 -4.56
N ASP A 295 3.04 -1.62 -5.81
CA ASP A 295 2.19 -2.37 -6.77
C ASP A 295 3.09 -3.33 -7.53
N PRO A 296 3.35 -4.53 -6.99
CA PRO A 296 4.21 -5.49 -7.69
C PRO A 296 3.74 -5.87 -9.08
N LEU A 297 2.42 -5.83 -9.34
CA LEU A 297 1.90 -6.20 -10.64
C LEU A 297 2.26 -5.15 -11.69
N ILE A 298 1.65 -3.98 -11.55
CA ILE A 298 1.88 -2.89 -12.47
C ILE A 298 3.36 -2.59 -12.67
N PHE A 299 4.14 -2.67 -11.60
CA PHE A 299 5.57 -2.37 -11.71
C PHE A 299 6.48 -3.59 -11.94
N LYS A 300 5.87 -4.75 -12.22
CA LYS A 300 6.59 -6.00 -12.47
C LYS A 300 7.77 -6.15 -11.55
N SER A 301 7.52 -6.07 -10.24
CA SER A 301 8.58 -6.17 -9.25
C SER A 301 8.24 -7.06 -8.06
N THR A 302 9.15 -7.09 -7.11
CA THR A 302 9.03 -7.86 -5.88
C THR A 302 9.80 -7.02 -4.88
N LEU A 303 9.69 -7.31 -3.59
CA LEU A 303 10.41 -6.53 -2.59
C LEU A 303 11.89 -6.49 -2.95
N ASP A 304 12.42 -7.62 -3.40
CA ASP A 304 13.83 -7.69 -3.79
C ASP A 304 14.15 -6.60 -4.81
N THR A 305 13.22 -6.40 -5.76
CA THR A 305 13.40 -5.38 -6.77
C THR A 305 13.80 -4.07 -6.14
N ASP A 306 13.09 -3.69 -5.07
CA ASP A 306 13.38 -2.44 -4.39
C ASP A 306 14.67 -2.47 -3.58
N TYR A 307 15.00 -3.63 -2.99
CA TYR A 307 16.23 -3.73 -2.22
C TYR A 307 17.44 -3.72 -3.15
N GLN A 308 17.31 -4.37 -4.29
CA GLN A 308 18.39 -4.40 -5.26
C GLN A 308 18.74 -2.94 -5.59
N MET A 309 17.75 -2.18 -6.03
CA MET A 309 17.93 -0.77 -6.39
C MET A 309 18.61 0.08 -5.31
N THR A 310 18.13 0.03 -4.08
CA THR A 310 18.74 0.81 -3.01
C THR A 310 20.23 0.49 -2.85
N LYS A 311 20.60 -0.77 -2.94
CA LYS A 311 21.99 -1.19 -2.80
C LYS A 311 22.81 -1.02 -4.09
N LYS A 312 22.14 -1.17 -5.23
CA LYS A 312 22.82 -1.05 -6.53
C LYS A 312 23.14 0.41 -6.86
N ASP A 313 22.11 1.21 -7.10
CA ASP A 313 22.30 2.61 -7.47
C ASP A 313 22.23 3.63 -6.34
N MET A 314 22.43 3.19 -5.10
CA MET A 314 22.37 4.12 -3.98
C MET A 314 23.31 3.77 -2.83
N GLY A 315 23.96 2.61 -2.96
CA GLY A 315 24.91 2.18 -1.95
C GLY A 315 24.37 1.86 -0.58
N PHE A 316 23.36 0.99 -0.52
CA PHE A 316 22.78 0.61 0.76
C PHE A 316 23.48 -0.63 1.32
N THR A 317 23.92 -0.53 2.56
CA THR A 317 24.63 -1.62 3.23
C THR A 317 23.64 -2.47 4.04
N GLU A 318 24.02 -3.71 4.32
CA GLU A 318 23.16 -4.63 5.07
C GLU A 318 22.73 -4.10 6.45
N GLU A 319 23.55 -3.24 7.05
CA GLU A 319 23.18 -2.72 8.37
C GLU A 319 22.04 -1.72 8.20
N GLU A 320 22.08 -0.93 7.14
CA GLU A 320 21.02 0.04 6.89
C GLU A 320 19.71 -0.71 6.66
N PHE A 321 19.79 -1.87 6.01
CA PHE A 321 18.62 -2.70 5.73
C PHE A 321 18.03 -3.26 7.02
N LYS A 322 18.90 -3.54 7.98
CA LYS A 322 18.44 -4.07 9.25
C LYS A 322 17.81 -2.95 10.07
N ARG A 323 18.53 -1.84 10.21
CA ARG A 323 18.03 -0.69 10.96
C ARG A 323 16.66 -0.35 10.42
N LEU A 324 16.57 -0.35 9.09
CA LEU A 324 15.37 -0.05 8.34
C LEU A 324 14.18 -0.93 8.76
N ASN A 325 14.31 -2.23 8.54
CA ASN A 325 13.25 -3.17 8.88
C ASN A 325 12.88 -3.18 10.36
N ILE A 326 13.83 -2.85 11.23
CA ILE A 326 13.52 -2.81 12.64
C ILE A 326 12.65 -1.59 12.93
N ASN A 327 12.93 -0.49 12.24
CA ASN A 327 12.11 0.71 12.41
C ASN A 327 10.70 0.39 11.90
N ALA A 328 10.63 -0.35 10.79
CA ALA A 328 9.37 -0.75 10.18
C ALA A 328 8.50 -1.47 11.20
N ALA A 329 9.12 -2.34 12.01
CA ALA A 329 8.40 -3.10 13.02
C ALA A 329 7.94 -2.23 14.19
N LYS A 330 8.71 -1.22 14.54
CA LYS A 330 8.34 -0.32 15.63
C LYS A 330 7.15 0.52 15.19
N SER A 331 7.16 0.95 13.92
CA SER A 331 6.08 1.77 13.37
C SER A 331 4.84 1.00 12.93
N SER A 332 4.91 -0.32 12.86
CA SER A 332 3.74 -1.09 12.44
C SER A 332 2.55 -0.74 13.32
N PHE A 333 1.35 -1.03 12.84
CA PHE A 333 0.14 -0.75 13.60
C PHE A 333 -0.27 -1.98 14.39
N LEU A 334 0.72 -2.70 14.92
CA LEU A 334 0.48 -3.91 15.68
C LEU A 334 0.32 -3.59 17.16
N PRO A 335 -0.51 -4.37 17.87
CA PRO A 335 -0.70 -4.11 19.30
C PRO A 335 0.69 -4.18 19.94
N GLU A 336 0.88 -3.59 21.11
CA GLU A 336 2.20 -3.63 21.72
C GLU A 336 2.74 -5.02 22.03
N ASP A 337 1.87 -5.95 22.41
CA ASP A 337 2.33 -7.30 22.72
C ASP A 337 2.85 -7.98 21.47
N GLU A 338 2.07 -7.93 20.39
CA GLU A 338 2.47 -8.54 19.13
C GLU A 338 3.60 -7.79 18.44
N LYS A 339 3.80 -6.53 18.82
CA LYS A 339 4.88 -5.75 18.23
C LYS A 339 6.20 -6.16 18.88
N LYS A 340 6.18 -6.43 20.19
CA LYS A 340 7.38 -6.87 20.91
C LYS A 340 7.79 -8.22 20.33
N GLU A 341 6.82 -9.11 20.18
CA GLU A 341 7.06 -10.43 19.62
C GLU A 341 7.70 -10.27 18.25
N LEU A 342 7.15 -9.38 17.43
CA LEU A 342 7.69 -9.15 16.09
C LEU A 342 9.12 -8.64 16.12
N LEU A 343 9.37 -7.61 16.94
CA LEU A 343 10.72 -7.06 17.06
C LEU A 343 11.70 -8.15 17.46
N ASP A 344 11.34 -8.89 18.50
CA ASP A 344 12.15 -9.99 19.01
C ASP A 344 12.59 -10.91 17.86
N LEU A 345 11.64 -11.36 17.07
CA LEU A 345 11.91 -12.24 15.94
C LEU A 345 13.08 -11.71 15.12
N LEU A 346 12.94 -10.49 14.60
CA LEU A 346 13.97 -9.85 13.78
C LEU A 346 15.32 -9.63 14.48
N TYR A 347 15.28 -9.41 15.79
CA TYR A 347 16.50 -9.19 16.54
C TYR A 347 17.35 -10.45 16.54
N LYS A 348 16.72 -11.59 16.79
CA LYS A 348 17.41 -12.87 16.81
C LYS A 348 17.86 -13.30 15.42
N ALA A 349 16.99 -13.10 14.43
CA ALA A 349 17.30 -13.48 13.07
C ALA A 349 18.29 -12.56 12.36
N TYR A 350 18.55 -11.38 12.93
CA TYR A 350 19.48 -10.43 12.32
C TYR A 350 20.91 -10.54 12.82
N ARG A 351 21.30 -11.74 13.23
CA ARG A 351 22.65 -11.98 13.71
C ARG A 351 23.15 -13.37 13.33
#